data_4KTQ
#
_entry.id   4KTQ
#
_cell.length_a   110.842
_cell.length_b   110.842
_cell.length_c   90.843
_cell.angle_alpha   90.00
_cell.angle_beta   90.00
_cell.angle_gamma   120.00
#
_symmetry.space_group_name_H-M   'P 31 2 1'
#
loop_
_entity.id
_entity.type
_entity.pdbx_description
1 polymer "DNA (5'-D(*GP*AP*CP*CP*AP*CP*GP*GP*CP*GP*CP*(DOC))-3')"
2 polymer "DNA (5'-D(*GP*GP*GP*CP*GP*CP*CP*GP*TP*GP*GP*TP*C)-3')"
3 polymer 'PROTEIN (LARGE FRAGMENT OF DNA POLYMERASE I)'
4 water water
#
loop_
_entity_poly.entity_id
_entity_poly.type
_entity_poly.pdbx_seq_one_letter_code
_entity_poly.pdbx_strand_id
1 'polydeoxyribonucleotide' (DG)(DA)(DC)(DC)(DA)(DC)(DG)(DG)(DC)(DG)(DC)(DOC) B
2 'polydeoxyribonucleotide' (DG)(DG)(DG)(DC)(DG)(DC)(DC)(DG)(DT)(DG)(DG)(DT)(DC) C
3 'polypeptide(L)'
;LEEAPWPPPEGAFVGFVLSRKEPMWADLLALAAARGGRVHRAPEPYKALRDLKEARGLLAKDLSVLALREGLGLPPGDDP
MLLAYLLDPSNTTPEGVARRYGGEWTEEAGERAALSERLFANLWGRLEGEERLLWLYREVERPLSAVLAHMEATGVRLDV
AYLRALSLEVAEEIARLEAEVFRLAGHPFNLNSRDQLERVLFDELGLPAIGKTEKTGKRSTSAAVLEALREAHPIVEKIL
QYRELTKLKSTYIDPLPDLIHPRTGRLHTRFNQTATATGRLSSSDPNLQNIPVRTPLGQRIRRAFIAEEGWLLVALDYSQ
IELRVLAHLSGDENLIRVFQEGRDIHTETASWMFGVPREAVDPLMRRAAKTINFGVLYGMSAHRLSQELAIPYEEAQAFI
ERYFQSFPKVRAWIEKTLEEGRRRGYVETLFGRRRYVPDLEARVKSVREAAERMAFNMPVQGTAADLMKLAMVKLFPRLE
EMGARMLLQVHDELVLEAPKERAEAVARLAKEVMEGVYPLAVPLEVEVGIGEDWLSAKE
;
A
#
# COMPACT_ATOMS: atom_id res chain seq x y z
N LEU C 1 34.73 -16.40 -15.17
CA LEU C 1 34.75 -14.92 -15.01
C LEU C 1 36.19 -14.45 -14.80
N GLU C 2 36.47 -13.20 -15.18
CA GLU C 2 37.80 -12.64 -15.04
C GLU C 2 37.83 -11.38 -14.18
N GLU C 3 38.65 -11.41 -13.12
CA GLU C 3 38.78 -10.29 -12.19
C GLU C 3 39.38 -9.07 -12.91
N ALA C 4 38.71 -7.92 -12.81
CA ALA C 4 39.16 -6.70 -13.49
C ALA C 4 39.36 -5.55 -12.52
N PRO C 5 40.27 -4.63 -12.84
CA PRO C 5 40.54 -3.46 -11.99
C PRO C 5 39.26 -2.65 -11.85
N TRP C 6 38.98 -2.17 -10.65
CA TRP C 6 37.74 -1.44 -10.39
C TRP C 6 37.08 -0.66 -11.53
N PRO C 7 37.75 0.36 -12.08
CA PRO C 7 37.09 1.11 -13.17
C PRO C 7 36.33 0.20 -14.14
N PRO C 8 34.99 0.17 -14.02
CA PRO C 8 34.17 -0.66 -14.89
C PRO C 8 33.71 0.05 -16.15
N PRO C 9 33.54 -0.68 -17.25
CA PRO C 9 33.09 -0.10 -18.52
C PRO C 9 31.75 0.60 -18.35
N GLU C 10 31.46 1.51 -19.26
CA GLU C 10 30.21 2.25 -19.22
C GLU C 10 29.01 1.31 -19.22
N GLY C 11 28.05 1.58 -18.34
CA GLY C 11 26.84 0.76 -18.26
C GLY C 11 26.99 -0.70 -17.86
N ALA C 12 27.57 -0.95 -16.68
CA ALA C 12 27.74 -2.32 -16.21
C ALA C 12 26.63 -2.70 -15.23
N PHE C 13 26.67 -3.92 -14.73
CA PHE C 13 25.67 -4.38 -13.78
C PHE C 13 26.23 -4.26 -12.37
N VAL C 14 25.69 -3.32 -11.61
CA VAL C 14 26.16 -3.09 -10.27
C VAL C 14 25.97 -4.32 -9.40
N GLY C 15 26.47 -4.22 -8.17
CA GLY C 15 26.38 -5.30 -7.20
C GLY C 15 26.88 -4.68 -5.93
N PHE C 16 26.17 -4.86 -4.82
CA PHE C 16 26.59 -4.24 -3.58
C PHE C 16 25.99 -4.90 -2.34
N VAL C 17 26.80 -5.00 -1.31
CA VAL C 17 26.35 -5.60 -0.07
C VAL C 17 26.24 -4.51 0.98
N LEU C 18 25.02 -4.28 1.45
CA LEU C 18 24.78 -3.28 2.47
C LEU C 18 24.92 -3.94 3.82
N SER C 19 25.04 -3.12 4.86
CA SER C 19 25.16 -3.65 6.22
C SER C 19 23.76 -3.90 6.78
N ARG C 20 22.75 -3.75 5.93
CA ARG C 20 21.35 -3.97 6.28
C ARG C 20 20.42 -3.62 5.11
N LYS C 21 19.10 -3.69 5.32
CA LYS C 21 18.12 -3.39 4.26
C LYS C 21 17.96 -1.90 3.98
N GLU C 22 17.44 -1.18 4.96
CA GLU C 22 17.21 0.25 4.85
C GLU C 22 18.43 0.99 4.32
N PRO C 23 18.42 1.34 3.03
CA PRO C 23 19.59 2.06 2.48
C PRO C 23 19.97 3.30 3.29
N MET C 24 18.97 3.95 3.87
CA MET C 24 19.17 5.17 4.67
C MET C 24 20.03 5.01 5.91
N TRP C 25 20.08 3.80 6.47
CA TRP C 25 20.86 3.56 7.67
C TRP C 25 22.02 2.60 7.44
N ALA C 26 21.99 1.94 6.29
CA ALA C 26 23.03 0.98 5.96
C ALA C 26 24.35 1.64 5.62
N ASP C 27 25.38 0.82 5.50
CA ASP C 27 26.72 1.26 5.14
C ASP C 27 27.19 0.41 3.96
N LEU C 28 27.57 1.06 2.87
CA LEU C 28 28.05 0.33 1.68
C LEU C 28 29.31 -0.47 1.99
N LEU C 29 29.13 -1.73 2.37
CA LEU C 29 30.26 -2.58 2.68
C LEU C 29 31.05 -2.90 1.41
N ALA C 30 30.34 -3.17 0.32
CA ALA C 30 31.02 -3.51 -0.92
C ALA C 30 30.31 -3.05 -2.18
N LEU C 31 31.10 -2.61 -3.16
CA LEU C 31 30.58 -2.15 -4.44
C LEU C 31 31.33 -2.89 -5.56
N ALA C 32 30.61 -3.26 -6.62
CA ALA C 32 31.19 -3.99 -7.74
C ALA C 32 30.32 -3.93 -9.00
N ALA C 33 30.81 -4.55 -10.07
CA ALA C 33 30.09 -4.57 -11.34
C ALA C 33 30.41 -5.79 -12.19
N ALA C 34 29.68 -5.95 -13.30
CA ALA C 34 29.88 -7.08 -14.19
C ALA C 34 29.40 -6.82 -15.62
N ARG C 35 30.33 -6.79 -16.56
CA ARG C 35 30.02 -6.58 -17.97
C ARG C 35 30.74 -7.65 -18.80
N GLY C 36 29.95 -8.39 -19.59
CA GLY C 36 30.50 -9.45 -20.40
C GLY C 36 30.72 -10.66 -19.53
N GLY C 37 31.96 -10.79 -19.05
CA GLY C 37 32.35 -11.90 -18.20
C GLY C 37 33.48 -11.47 -17.30
N ARG C 38 33.57 -10.15 -17.09
CA ARG C 38 34.60 -9.57 -16.24
C ARG C 38 33.96 -8.99 -14.98
N VAL C 39 34.56 -9.28 -13.83
CA VAL C 39 34.06 -8.80 -12.55
C VAL C 39 34.91 -7.67 -11.99
N HIS C 40 34.33 -6.49 -11.87
CA HIS C 40 35.05 -5.33 -11.34
C HIS C 40 34.71 -5.04 -9.89
N ARG C 41 35.73 -5.03 -9.04
CA ARG C 41 35.52 -4.78 -7.62
C ARG C 41 36.18 -3.51 -7.11
N ALA C 42 35.37 -2.64 -6.53
CA ALA C 42 35.87 -1.39 -5.99
C ALA C 42 36.54 -1.66 -4.64
N PRO C 43 37.83 -1.29 -4.53
CA PRO C 43 38.57 -1.51 -3.28
C PRO C 43 37.93 -0.71 -2.17
N GLU C 44 37.21 0.33 -2.58
CA GLU C 44 36.49 1.23 -1.68
C GLU C 44 35.14 1.56 -2.30
N PRO C 45 34.05 0.96 -1.77
CA PRO C 45 32.68 1.17 -2.25
C PRO C 45 32.18 2.61 -2.32
N TYR C 46 32.49 3.41 -1.30
CA TYR C 46 32.02 4.78 -1.28
C TYR C 46 32.52 5.64 -2.44
N LYS C 47 33.84 5.68 -2.60
CA LYS C 47 34.45 6.45 -3.70
C LYS C 47 33.94 5.91 -5.03
N ALA C 48 34.14 4.62 -5.24
CA ALA C 48 33.72 3.96 -6.46
C ALA C 48 32.31 4.35 -6.89
N LEU C 49 31.44 4.60 -5.91
CA LEU C 49 30.06 5.00 -6.17
C LEU C 49 30.05 6.23 -7.07
N ARG C 50 31.23 6.81 -7.25
CA ARG C 50 31.39 8.01 -8.06
C ARG C 50 31.58 7.71 -9.54
N ASP C 51 32.14 6.55 -9.84
CA ASP C 51 32.40 6.17 -11.23
C ASP C 51 31.21 5.60 -11.98
N LEU C 52 30.05 5.59 -11.34
CA LEU C 52 28.84 5.08 -11.97
C LEU C 52 27.90 6.23 -12.24
N LYS C 53 27.20 6.18 -13.36
CA LYS C 53 26.26 7.24 -13.72
C LYS C 53 24.83 6.80 -13.41
N GLU C 54 24.66 5.50 -13.18
CA GLU C 54 23.35 4.92 -12.86
C GLU C 54 23.51 3.58 -12.13
N ALA C 55 22.41 3.09 -11.57
CA ALA C 55 22.41 1.82 -10.86
C ALA C 55 21.65 0.78 -11.69
N ARG C 56 22.38 -0.15 -12.29
CA ARG C 56 21.76 -1.20 -13.10
C ARG C 56 21.95 -2.57 -12.49
N GLY C 57 20.94 -3.02 -11.76
CA GLY C 57 20.99 -4.33 -11.11
C GLY C 57 19.87 -4.47 -10.10
N LEU C 58 19.86 -5.59 -9.38
CA LEU C 58 18.83 -5.85 -8.38
C LEU C 58 18.82 -4.77 -7.31
N LEU C 59 17.66 -4.56 -6.70
CA LEU C 59 17.52 -3.53 -5.68
C LEU C 59 18.28 -2.29 -6.13
N ALA C 60 18.23 -2.02 -7.43
CA ALA C 60 18.89 -0.86 -7.99
C ALA C 60 18.43 0.35 -7.18
N LYS C 61 17.12 0.61 -7.20
CA LYS C 61 16.51 1.74 -6.49
C LYS C 61 17.15 1.95 -5.12
N ASP C 62 17.57 0.86 -4.51
CA ASP C 62 18.19 0.94 -3.20
C ASP C 62 19.56 1.62 -3.24
N LEU C 63 20.51 1.08 -4.00
CA LEU C 63 21.85 1.71 -4.06
C LEU C 63 21.74 3.15 -4.56
N SER C 64 20.62 3.46 -5.20
CA SER C 64 20.40 4.82 -5.69
C SER C 64 20.12 5.71 -4.49
N VAL C 65 19.45 5.14 -3.49
CA VAL C 65 19.08 5.87 -2.27
C VAL C 65 20.29 6.27 -1.44
N LEU C 66 21.13 5.30 -1.13
CA LEU C 66 22.33 5.58 -0.35
C LEU C 66 23.14 6.60 -1.15
N ALA C 67 23.37 6.30 -2.42
CA ALA C 67 24.13 7.20 -3.28
C ALA C 67 23.51 8.55 -3.07
N LEU C 68 22.20 8.62 -3.20
CA LEU C 68 21.48 9.87 -3.03
C LEU C 68 21.80 10.53 -1.70
N ARG C 69 21.91 9.74 -0.63
CA ARG C 69 22.17 10.34 0.68
C ARG C 69 23.59 10.87 0.85
N GLU C 70 24.52 10.35 0.06
CA GLU C 70 25.91 10.77 0.14
C GLU C 70 26.17 12.00 -0.74
N GLY C 71 25.10 12.57 -1.27
CA GLY C 71 25.23 13.74 -2.12
C GLY C 71 25.15 13.39 -3.60
N LEU C 72 25.54 12.17 -3.94
CA LEU C 72 25.52 11.73 -5.33
C LEU C 72 24.08 11.49 -5.83
N GLY C 73 23.84 11.91 -7.08
CA GLY C 73 22.53 11.73 -7.69
C GLY C 73 22.37 10.26 -8.04
N LEU C 74 23.20 9.78 -8.97
CA LEU C 74 23.18 8.38 -9.37
C LEU C 74 21.76 7.80 -9.41
N PRO C 75 21.07 7.93 -10.54
CA PRO C 75 19.71 7.42 -10.66
C PRO C 75 19.67 5.90 -10.79
N PRO C 76 18.51 5.28 -10.52
CA PRO C 76 18.34 3.83 -10.61
C PRO C 76 17.87 3.48 -12.02
N GLY C 77 18.49 2.47 -12.62
CA GLY C 77 18.11 2.10 -13.98
C GLY C 77 17.53 0.70 -14.11
N ASP C 78 17.96 -0.03 -15.15
CA ASP C 78 17.47 -1.38 -15.36
C ASP C 78 17.60 -2.18 -14.08
N ASP C 79 16.76 -3.20 -13.95
CA ASP C 79 16.75 -4.03 -12.76
C ASP C 79 15.97 -5.31 -13.01
N PRO C 80 16.64 -6.47 -12.91
CA PRO C 80 15.91 -7.70 -13.15
C PRO C 80 14.69 -7.77 -12.24
N MET C 81 14.91 -7.69 -10.93
CA MET C 81 13.83 -7.75 -9.94
C MET C 81 12.50 -7.20 -10.46
N LEU C 82 12.55 -6.02 -11.06
CA LEU C 82 11.37 -5.36 -11.62
C LEU C 82 10.71 -6.19 -12.73
N LEU C 83 11.52 -6.83 -13.56
CA LEU C 83 11.01 -7.64 -14.68
C LEU C 83 10.28 -8.89 -14.20
N ALA C 84 10.85 -9.57 -13.21
CA ALA C 84 10.23 -10.77 -12.67
C ALA C 84 8.90 -10.38 -12.06
N TYR C 85 8.90 -9.31 -11.26
CA TYR C 85 7.69 -8.85 -10.62
C TYR C 85 6.55 -8.63 -11.61
N LEU C 86 6.91 -8.32 -12.86
CA LEU C 86 5.91 -8.11 -13.90
C LEU C 86 5.47 -9.45 -14.51
N LEU C 87 6.44 -10.34 -14.72
CA LEU C 87 6.17 -11.66 -15.26
C LEU C 87 5.37 -12.44 -14.21
N ASP C 88 5.76 -12.31 -12.94
CA ASP C 88 5.08 -13.00 -11.85
C ASP C 88 5.14 -12.13 -10.59
N PRO C 89 4.03 -11.45 -10.27
CA PRO C 89 3.99 -10.60 -9.06
C PRO C 89 4.32 -11.37 -7.79
N SER C 90 4.43 -12.69 -7.92
CA SER C 90 4.77 -13.53 -6.79
C SER C 90 6.26 -13.34 -6.56
N ASN C 91 6.99 -13.07 -7.63
CA ASN C 91 8.42 -12.83 -7.55
C ASN C 91 8.57 -11.56 -6.74
N THR C 92 9.08 -11.67 -5.50
CA THR C 92 9.23 -10.52 -4.63
C THR C 92 10.62 -10.28 -4.04
N THR C 93 11.53 -11.22 -4.18
CA THR C 93 12.86 -11.06 -3.63
C THR C 93 13.95 -11.56 -4.54
N PRO C 94 15.20 -11.17 -4.28
CA PRO C 94 16.32 -11.61 -5.11
C PRO C 94 16.59 -13.09 -4.87
N GLU C 95 16.52 -13.50 -3.61
CA GLU C 95 16.74 -14.88 -3.18
C GLU C 95 15.92 -15.82 -4.06
N GLY C 96 14.60 -15.67 -3.99
CA GLY C 96 13.71 -16.52 -4.77
C GLY C 96 13.81 -16.32 -6.28
N VAL C 97 13.91 -15.06 -6.71
CA VAL C 97 14.00 -14.75 -8.13
C VAL C 97 15.14 -15.55 -8.76
N ALA C 98 16.33 -15.40 -8.20
CA ALA C 98 17.47 -16.13 -8.72
C ALA C 98 17.22 -17.62 -8.53
N ARG C 99 16.90 -18.02 -7.31
CA ARG C 99 16.65 -19.43 -7.01
C ARG C 99 15.53 -19.99 -7.88
N ARG C 100 15.01 -19.16 -8.78
CA ARG C 100 13.94 -19.56 -9.68
C ARG C 100 14.29 -19.38 -11.14
N TYR C 101 15.21 -18.46 -11.45
CA TYR C 101 15.58 -18.21 -12.83
C TYR C 101 17.02 -18.50 -13.20
N GLY C 102 17.77 -19.15 -12.31
CA GLY C 102 19.15 -19.47 -12.61
C GLY C 102 20.21 -18.63 -11.91
N GLY C 103 20.53 -19.01 -10.67
CA GLY C 103 21.53 -18.30 -9.90
C GLY C 103 21.26 -18.33 -8.41
N GLU C 104 22.32 -18.27 -7.61
CA GLU C 104 22.17 -18.29 -6.16
C GLU C 104 22.44 -16.88 -5.64
N TRP C 105 21.42 -16.28 -5.01
CA TRP C 105 21.56 -14.96 -4.46
C TRP C 105 22.61 -15.04 -3.36
N THR C 106 23.77 -14.43 -3.58
CA THR C 106 24.84 -14.46 -2.59
C THR C 106 25.10 -13.14 -1.90
N GLU C 107 26.05 -13.18 -0.96
CA GLU C 107 26.43 -12.01 -0.17
C GLU C 107 27.64 -11.27 -0.72
N GLU C 108 27.98 -11.53 -1.97
CA GLU C 108 29.12 -10.86 -2.60
C GLU C 108 28.62 -9.80 -3.56
N ALA C 109 29.09 -8.57 -3.36
CA ALA C 109 28.68 -7.45 -4.21
C ALA C 109 29.14 -7.66 -5.66
N GLY C 110 29.95 -8.69 -5.87
CA GLY C 110 30.43 -9.01 -7.21
C GLY C 110 29.63 -10.15 -7.80
N GLU C 111 29.41 -11.20 -7.00
CA GLU C 111 28.64 -12.37 -7.42
C GLU C 111 27.22 -11.93 -7.71
N ARG C 112 26.84 -10.78 -7.16
CA ARG C 112 25.51 -10.21 -7.34
C ARG C 112 25.39 -9.54 -8.72
N ALA C 113 26.42 -8.80 -9.10
CA ALA C 113 26.42 -8.15 -10.41
C ALA C 113 26.42 -9.24 -11.47
N ALA C 114 27.21 -10.29 -11.22
CA ALA C 114 27.31 -11.42 -12.14
C ALA C 114 26.00 -12.19 -12.16
N LEU C 115 25.22 -12.03 -11.10
CA LEU C 115 23.93 -12.68 -11.01
C LEU C 115 22.91 -11.82 -11.76
N SER C 116 22.98 -10.51 -11.53
CA SER C 116 22.09 -9.55 -12.17
C SER C 116 22.10 -9.69 -13.68
N GLU C 117 23.29 -9.57 -14.26
CA GLU C 117 23.43 -9.68 -15.70
C GLU C 117 22.71 -10.89 -16.24
N ARG C 118 23.28 -12.05 -15.95
CA ARG C 118 22.73 -13.31 -16.38
C ARG C 118 21.23 -13.35 -16.09
N LEU C 119 20.81 -12.61 -15.07
CA LEU C 119 19.41 -12.54 -14.67
C LEU C 119 18.64 -11.61 -15.59
N PHE C 120 19.17 -10.41 -15.80
CA PHE C 120 18.51 -9.46 -16.67
C PHE C 120 18.38 -10.08 -18.05
N ALA C 121 19.39 -10.85 -18.42
CA ALA C 121 19.40 -11.54 -19.71
C ALA C 121 18.23 -12.53 -19.70
N ASN C 122 18.42 -13.62 -18.95
CA ASN C 122 17.43 -14.68 -18.81
C ASN C 122 16.02 -14.09 -18.76
N LEU C 123 15.88 -12.97 -18.04
CA LEU C 123 14.60 -12.29 -17.89
C LEU C 123 14.19 -11.44 -19.09
N TRP C 124 15.03 -10.49 -19.47
CA TRP C 124 14.70 -9.63 -20.60
C TRP C 124 14.32 -10.48 -21.80
N GLY C 125 15.06 -11.58 -21.96
CA GLY C 125 14.77 -12.48 -23.07
C GLY C 125 13.37 -13.04 -22.90
N ARG C 126 13.07 -13.54 -21.71
CA ARG C 126 11.77 -14.11 -21.40
C ARG C 126 10.62 -13.16 -21.76
N LEU C 127 10.95 -11.89 -21.95
CA LEU C 127 9.96 -10.87 -22.29
C LEU C 127 9.58 -10.85 -23.77
N GLU C 128 9.96 -11.90 -24.49
CA GLU C 128 9.64 -12.00 -25.90
C GLU C 128 8.13 -11.83 -26.10
N GLY C 129 7.75 -10.90 -26.97
CA GLY C 129 6.35 -10.67 -27.25
C GLY C 129 5.39 -10.44 -26.11
N GLU C 130 5.83 -9.62 -25.14
CA GLU C 130 4.97 -9.31 -24.01
C GLU C 130 4.69 -7.82 -23.99
N GLU C 131 4.32 -7.29 -25.14
CA GLU C 131 4.02 -5.87 -25.32
C GLU C 131 3.54 -5.16 -24.05
N ARG C 132 2.29 -5.43 -23.67
CA ARG C 132 1.70 -4.80 -22.50
C ARG C 132 2.64 -4.76 -21.31
N LEU C 133 3.07 -5.93 -20.85
CA LEU C 133 3.99 -6.02 -19.72
C LEU C 133 5.14 -5.06 -19.95
N LEU C 134 5.86 -5.26 -21.05
CA LEU C 134 6.99 -4.42 -21.40
C LEU C 134 6.58 -2.95 -21.39
N TRP C 135 5.35 -2.64 -21.75
CA TRP C 135 4.95 -1.24 -21.73
C TRP C 135 4.96 -0.72 -20.30
N LEU C 136 4.67 -1.60 -19.36
CA LEU C 136 4.64 -1.22 -17.98
C LEU C 136 6.04 -1.05 -17.40
N TYR C 137 6.98 -1.91 -17.81
CA TYR C 137 8.33 -1.83 -17.30
C TYR C 137 9.06 -0.58 -17.75
N ARG C 138 8.82 -0.19 -18.99
CA ARG C 138 9.46 0.99 -19.56
C ARG C 138 8.70 2.25 -19.22
N GLU C 139 7.39 2.22 -19.41
CA GLU C 139 6.56 3.39 -19.16
C GLU C 139 6.18 3.62 -17.72
N VAL C 140 6.56 2.72 -16.82
CA VAL C 140 6.15 2.90 -15.44
C VAL C 140 7.08 2.36 -14.36
N GLU C 141 7.36 1.06 -14.36
CA GLU C 141 8.22 0.48 -13.33
C GLU C 141 9.65 1.04 -13.25
N ARG C 142 10.37 1.00 -14.37
CA ARG C 142 11.74 1.51 -14.37
C ARG C 142 11.76 2.99 -13.97
N PRO C 143 10.94 3.83 -14.61
CA PRO C 143 10.93 5.24 -14.23
C PRO C 143 10.57 5.48 -12.77
N LEU C 144 9.51 4.85 -12.31
CA LEU C 144 9.05 5.00 -10.93
C LEU C 144 10.12 4.66 -9.90
N SER C 145 10.90 3.62 -10.17
CA SER C 145 11.94 3.22 -9.22
C SER C 145 12.74 4.46 -8.80
N ALA C 146 12.83 5.42 -9.71
CA ALA C 146 13.55 6.67 -9.46
C ALA C 146 12.79 7.58 -8.52
N VAL C 147 11.52 7.81 -8.86
CA VAL C 147 10.65 8.67 -8.06
C VAL C 147 10.64 8.23 -6.61
N LEU C 148 10.56 6.92 -6.41
CA LEU C 148 10.55 6.32 -5.08
C LEU C 148 11.86 6.65 -4.40
N ALA C 149 12.94 6.38 -5.14
CA ALA C 149 14.31 6.62 -4.67
C ALA C 149 14.44 8.01 -4.09
N HIS C 150 13.96 9.00 -4.83
CA HIS C 150 14.04 10.37 -4.34
C HIS C 150 13.12 10.50 -3.16
N MET C 151 11.94 9.87 -3.25
CA MET C 151 10.96 9.88 -2.18
C MET C 151 11.60 9.44 -0.87
N GLU C 152 12.28 8.31 -0.90
CA GLU C 152 12.95 7.75 0.28
C GLU C 152 14.01 8.69 0.84
N ALA C 153 14.84 9.23 -0.05
CA ALA C 153 15.92 10.15 0.35
C ALA C 153 15.35 11.42 1.00
N THR C 154 14.43 12.08 0.31
CA THR C 154 13.80 13.30 0.81
C THR C 154 13.37 13.15 2.27
N GLY C 155 12.75 12.01 2.60
CA GLY C 155 12.30 11.76 3.95
C GLY C 155 11.09 12.60 4.33
N VAL C 156 10.68 12.57 5.60
CA VAL C 156 9.55 13.37 6.02
C VAL C 156 9.78 14.07 7.35
N ARG C 157 9.35 15.34 7.40
CA ARG C 157 9.48 16.15 8.60
C ARG C 157 8.48 15.70 9.65
N LEU C 158 8.99 15.34 10.83
CA LEU C 158 8.13 14.88 11.92
C LEU C 158 8.40 15.65 13.21
N ASP C 159 7.34 16.18 13.84
CA ASP C 159 7.48 16.93 15.09
C ASP C 159 7.68 16.05 16.33
N VAL C 160 8.93 15.66 16.57
CA VAL C 160 9.32 14.82 17.69
C VAL C 160 8.89 15.26 19.08
N ALA C 161 9.32 16.45 19.50
CA ALA C 161 8.97 16.97 20.81
C ALA C 161 7.48 16.79 21.07
N TYR C 162 6.68 17.02 20.04
CA TYR C 162 5.23 16.87 20.16
C TYR C 162 4.93 15.45 20.58
N LEU C 163 5.24 14.52 19.67
CA LEU C 163 5.02 13.10 19.89
C LEU C 163 5.46 12.66 21.27
N ARG C 164 6.51 13.30 21.79
CA ARG C 164 6.98 12.98 23.12
C ARG C 164 5.91 13.38 24.12
N ALA C 165 5.33 14.56 23.92
CA ALA C 165 4.28 15.06 24.80
C ALA C 165 3.20 13.99 24.87
N LEU C 166 2.64 13.67 23.71
CA LEU C 166 1.60 12.65 23.61
C LEU C 166 1.98 11.42 24.45
N SER C 167 3.12 10.82 24.14
CA SER C 167 3.60 9.62 24.82
C SER C 167 3.40 9.58 26.34
N LEU C 168 3.68 10.70 27.00
CA LEU C 168 3.55 10.77 28.46
C LEU C 168 2.13 10.95 28.95
N GLU C 169 1.31 11.68 28.20
CA GLU C 169 -0.08 11.91 28.56
C GLU C 169 -0.84 10.61 28.35
N VAL C 170 -0.65 10.05 27.16
CA VAL C 170 -1.27 8.79 26.79
C VAL C 170 -0.93 7.76 27.84
N ALA C 171 0.38 7.54 28.02
CA ALA C 171 0.88 6.59 29.00
C ALA C 171 0.03 6.61 30.26
N GLU C 172 -0.49 7.78 30.60
CA GLU C 172 -1.32 7.95 31.78
C GLU C 172 -2.72 7.40 31.56
N GLU C 173 -3.39 7.87 30.51
CA GLU C 173 -4.73 7.39 30.23
C GLU C 173 -4.73 5.86 30.20
N ILE C 174 -3.70 5.29 29.59
CA ILE C 174 -3.57 3.84 29.50
C ILE C 174 -3.62 3.28 30.91
N ALA C 175 -2.77 3.81 31.78
CA ALA C 175 -2.68 3.38 33.17
C ALA C 175 -3.97 3.49 33.98
N ARG C 176 -4.78 4.52 33.71
CA ARG C 176 -6.02 4.67 34.46
C ARG C 176 -6.98 3.52 34.11
N LEU C 177 -6.98 3.13 32.83
CA LEU C 177 -7.83 2.05 32.35
C LEU C 177 -7.32 0.70 32.85
N GLU C 178 -6.00 0.53 32.84
CA GLU C 178 -5.38 -0.69 33.31
C GLU C 178 -5.86 -0.95 34.75
N ALA C 179 -5.98 0.12 35.52
CA ALA C 179 -6.42 0.04 36.91
C ALA C 179 -7.90 -0.35 36.96
N GLU C 180 -8.72 0.36 36.21
CA GLU C 180 -10.14 0.09 36.16
C GLU C 180 -10.36 -1.40 35.91
N VAL C 181 -9.94 -1.86 34.74
CA VAL C 181 -10.10 -3.26 34.36
C VAL C 181 -9.53 -4.23 35.39
N PHE C 182 -8.33 -3.96 35.86
CA PHE C 182 -7.68 -4.82 36.84
C PHE C 182 -8.59 -5.03 38.04
N ARG C 183 -9.39 -4.01 38.34
CA ARG C 183 -10.31 -4.09 39.45
C ARG C 183 -11.46 -4.98 39.03
N LEU C 184 -12.01 -4.68 37.85
CA LEU C 184 -13.13 -5.44 37.32
C LEU C 184 -12.83 -6.93 37.23
N ALA C 185 -11.62 -7.31 37.57
CA ALA C 185 -11.24 -8.73 37.54
C ALA C 185 -10.94 -9.15 38.97
N GLY C 186 -11.04 -8.20 39.89
CA GLY C 186 -10.76 -8.49 41.29
C GLY C 186 -9.33 -8.95 41.45
N HIS C 187 -8.52 -8.64 40.45
CA HIS C 187 -7.10 -9.01 40.45
C HIS C 187 -6.45 -8.59 39.14
N PRO C 188 -5.22 -8.08 39.22
CA PRO C 188 -4.54 -7.64 38.00
C PRO C 188 -4.11 -8.86 37.17
N PHE C 189 -3.58 -8.58 35.98
CA PHE C 189 -3.11 -9.59 35.05
C PHE C 189 -2.60 -8.89 33.80
N ASN C 190 -1.51 -9.40 33.22
CA ASN C 190 -0.96 -8.79 32.01
C ASN C 190 -2.12 -8.54 31.05
N LEU C 191 -2.27 -7.31 30.59
CA LEU C 191 -3.37 -6.98 29.70
C LEU C 191 -3.06 -7.08 28.22
N ASN C 192 -1.83 -7.41 27.86
CA ASN C 192 -1.47 -7.51 26.46
C ASN C 192 -1.58 -8.95 25.96
N SER C 193 -1.53 -9.89 26.90
CA SER C 193 -1.63 -11.30 26.55
C SER C 193 -3.07 -11.67 26.29
N ARG C 194 -3.41 -11.90 25.03
CA ARG C 194 -4.77 -12.27 24.69
C ARG C 194 -5.15 -13.51 25.48
N ASP C 195 -4.16 -14.37 25.74
CA ASP C 195 -4.38 -15.60 26.49
C ASP C 195 -4.92 -15.31 27.89
N GLN C 196 -4.23 -14.43 28.62
CA GLN C 196 -4.64 -14.06 29.96
C GLN C 196 -6.04 -13.46 29.95
N LEU C 197 -6.35 -12.67 28.91
CA LEU C 197 -7.66 -12.07 28.83
C LEU C 197 -8.74 -13.11 28.53
N GLU C 198 -8.37 -14.16 27.79
CA GLU C 198 -9.31 -15.23 27.45
C GLU C 198 -9.78 -15.84 28.77
N ARG C 199 -8.80 -16.29 29.55
CA ARG C 199 -9.05 -16.88 30.84
C ARG C 199 -9.81 -15.92 31.73
N VAL C 200 -9.60 -14.62 31.55
CA VAL C 200 -10.30 -13.64 32.37
C VAL C 200 -11.76 -13.41 31.93
N LEU C 201 -11.94 -13.12 30.64
CA LEU C 201 -13.27 -12.86 30.09
C LEU C 201 -14.22 -14.04 30.07
N PHE C 202 -13.83 -15.09 29.34
CA PHE C 202 -14.65 -16.27 29.19
C PHE C 202 -14.68 -17.19 30.40
N ASP C 203 -13.51 -17.58 30.89
CA ASP C 203 -13.46 -18.46 32.05
C ASP C 203 -13.97 -17.71 33.27
N GLU C 204 -13.09 -16.96 33.93
CA GLU C 204 -13.45 -16.19 35.12
C GLU C 204 -14.83 -15.54 35.01
N LEU C 205 -15.03 -14.71 34.00
CA LEU C 205 -16.34 -14.08 33.80
C LEU C 205 -17.12 -15.03 32.91
N GLY C 206 -18.44 -15.04 33.05
CA GLY C 206 -19.23 -15.95 32.24
C GLY C 206 -19.56 -15.49 30.83
N LEU C 207 -18.80 -14.53 30.31
CA LEU C 207 -19.05 -14.00 28.96
C LEU C 207 -19.07 -15.06 27.85
N PRO C 208 -20.08 -14.98 26.97
CA PRO C 208 -20.27 -15.90 25.85
C PRO C 208 -19.17 -15.87 24.80
N ALA C 209 -18.47 -17.00 24.66
CA ALA C 209 -17.42 -17.10 23.67
C ALA C 209 -18.09 -17.19 22.30
N ILE C 210 -17.99 -16.11 21.53
CA ILE C 210 -18.60 -16.08 20.21
C ILE C 210 -17.82 -16.85 19.14
N GLY C 211 -16.49 -16.75 19.15
CA GLY C 211 -15.70 -17.47 18.16
C GLY C 211 -14.29 -17.88 18.58
N LYS C 212 -13.62 -18.66 17.73
CA LYS C 212 -12.26 -19.14 17.99
C LYS C 212 -11.25 -18.61 16.95
N THR C 213 -9.96 -18.80 17.22
CA THR C 213 -8.91 -18.31 16.31
C THR C 213 -8.62 -19.29 15.17
N GLU C 214 -8.05 -18.80 14.09
CA GLU C 214 -7.77 -19.66 12.93
C GLU C 214 -6.69 -20.72 13.13
N LYS C 215 -5.46 -20.29 13.42
CA LYS C 215 -4.36 -21.23 13.60
C LYS C 215 -4.50 -22.22 14.77
N THR C 216 -4.46 -21.69 15.99
CA THR C 216 -4.56 -22.51 17.20
C THR C 216 -5.98 -22.80 17.59
N GLY C 217 -6.89 -21.92 17.23
CA GLY C 217 -8.29 -22.14 17.54
C GLY C 217 -8.74 -21.83 18.95
N LYS C 218 -8.06 -20.93 19.64
CA LYS C 218 -8.46 -20.57 21.00
C LYS C 218 -9.72 -19.70 20.93
N ARG C 219 -10.16 -19.19 22.07
CA ARG C 219 -11.32 -18.32 22.11
C ARG C 219 -10.80 -16.95 21.68
N SER C 220 -11.28 -16.42 20.56
CA SER C 220 -10.80 -15.12 20.09
C SER C 220 -11.27 -13.94 20.92
N THR C 221 -10.32 -13.06 21.24
CA THR C 221 -10.60 -11.87 22.02
C THR C 221 -10.61 -10.68 21.07
N SER C 222 -10.90 -10.98 19.81
CA SER C 222 -10.94 -9.98 18.76
C SER C 222 -11.79 -8.79 19.14
N ALA C 223 -11.65 -7.72 18.36
CA ALA C 223 -12.41 -6.49 18.55
C ALA C 223 -13.88 -6.75 18.24
N ALA C 224 -14.14 -7.44 17.13
CA ALA C 224 -15.51 -7.76 16.73
C ALA C 224 -16.18 -8.53 17.87
N VAL C 225 -15.51 -9.59 18.30
CA VAL C 225 -15.98 -10.41 19.39
C VAL C 225 -16.41 -9.50 20.54
N LEU C 226 -15.47 -8.70 21.02
CA LEU C 226 -15.74 -7.78 22.12
C LEU C 226 -16.84 -6.76 21.83
N GLU C 227 -16.76 -6.06 20.71
CA GLU C 227 -17.80 -5.10 20.37
C GLU C 227 -19.13 -5.80 20.55
N ALA C 228 -19.14 -7.07 20.16
CA ALA C 228 -20.32 -7.93 20.25
C ALA C 228 -20.66 -8.25 21.70
N LEU C 229 -19.82 -7.81 22.63
CA LEU C 229 -20.05 -8.02 24.04
C LEU C 229 -20.07 -6.66 24.71
N ARG C 230 -20.25 -5.62 23.90
CA ARG C 230 -20.31 -4.27 24.43
C ARG C 230 -21.34 -4.23 25.52
N GLU C 231 -22.56 -4.61 25.17
CA GLU C 231 -23.68 -4.64 26.11
C GLU C 231 -23.33 -5.39 27.38
N ALA C 232 -23.12 -6.70 27.22
CA ALA C 232 -22.79 -7.61 28.31
C ALA C 232 -22.07 -6.96 29.49
N HIS C 233 -20.75 -6.91 29.40
CA HIS C 233 -19.94 -6.35 30.46
C HIS C 233 -19.41 -4.95 30.12
N PRO C 234 -19.24 -4.11 31.16
CA PRO C 234 -18.73 -2.75 30.96
C PRO C 234 -17.23 -2.80 30.67
N ILE C 235 -16.55 -3.76 31.28
CA ILE C 235 -15.10 -3.94 31.11
C ILE C 235 -14.72 -4.05 29.64
N VAL C 236 -15.67 -4.50 28.83
CA VAL C 236 -15.46 -4.65 27.41
C VAL C 236 -15.01 -3.33 26.79
N GLU C 237 -15.85 -2.31 26.94
CA GLU C 237 -15.57 -0.97 26.40
C GLU C 237 -14.18 -0.48 26.75
N LYS C 238 -13.91 -0.42 28.05
CA LYS C 238 -12.62 0.04 28.56
C LYS C 238 -11.45 -0.74 27.96
N ILE C 239 -11.61 -2.05 27.83
CA ILE C 239 -10.56 -2.88 27.25
C ILE C 239 -10.36 -2.53 25.77
N LEU C 240 -11.44 -2.09 25.12
CA LEU C 240 -11.40 -1.70 23.71
C LEU C 240 -10.54 -0.47 23.51
N GLN C 241 -10.71 0.50 24.40
CA GLN C 241 -9.95 1.74 24.36
C GLN C 241 -8.49 1.47 24.65
N TYR C 242 -8.24 0.61 25.63
CA TYR C 242 -6.89 0.26 26.00
C TYR C 242 -6.19 -0.30 24.79
N ARG C 243 -6.90 -1.13 24.03
CA ARG C 243 -6.33 -1.73 22.82
C ARG C 243 -6.02 -0.62 21.83
N GLU C 244 -6.88 0.39 21.80
CA GLU C 244 -6.71 1.53 20.89
C GLU C 244 -5.41 2.19 21.28
N LEU C 245 -5.42 2.86 22.42
CA LEU C 245 -4.25 3.56 22.94
C LEU C 245 -2.97 2.75 22.77
N THR C 246 -2.97 1.50 23.23
CA THR C 246 -1.78 0.68 23.12
C THR C 246 -1.31 0.55 21.67
N LYS C 247 -2.22 0.24 20.76
CA LYS C 247 -1.85 0.13 19.36
C LYS C 247 -1.14 1.43 18.93
N LEU C 248 -1.87 2.55 19.00
CA LEU C 248 -1.36 3.86 18.62
C LEU C 248 0.00 4.25 19.21
N LYS C 249 0.13 4.07 20.51
CA LYS C 249 1.37 4.40 21.19
C LYS C 249 2.48 3.48 20.67
N SER C 250 2.37 2.22 21.02
CA SER C 250 3.35 1.18 20.63
C SER C 250 3.83 1.27 19.19
N THR C 251 2.89 1.34 18.26
CA THR C 251 3.21 1.37 16.83
C THR C 251 3.46 2.74 16.25
N TYR C 252 3.16 3.81 16.98
CA TYR C 252 3.36 5.12 16.40
C TYR C 252 4.03 6.16 17.29
N ILE C 253 3.29 6.58 18.30
CA ILE C 253 3.75 7.60 19.23
C ILE C 253 5.12 7.36 19.82
N ASP C 254 5.50 6.10 19.97
CA ASP C 254 6.78 5.78 20.57
C ASP C 254 7.91 5.42 19.61
N PRO C 255 7.68 4.45 18.73
CA PRO C 255 8.73 4.07 17.79
C PRO C 255 9.12 5.08 16.72
N LEU C 256 8.19 5.95 16.34
CA LEU C 256 8.46 6.93 15.30
C LEU C 256 9.65 7.85 15.57
N PRO C 257 9.59 8.66 16.64
CA PRO C 257 10.70 9.57 16.96
C PRO C 257 12.13 9.04 16.73
N ASP C 258 12.47 7.91 17.34
CA ASP C 258 13.80 7.34 17.20
C ASP C 258 14.24 7.05 15.77
N LEU C 259 13.29 6.77 14.88
CA LEU C 259 13.64 6.47 13.51
C LEU C 259 14.02 7.70 12.70
N ILE C 260 14.11 8.85 13.38
CA ILE C 260 14.46 10.07 12.68
C ILE C 260 15.92 9.98 12.26
N HIS C 261 16.19 10.28 11.00
CA HIS C 261 17.55 10.22 10.55
C HIS C 261 18.30 11.38 11.17
N PRO C 262 19.47 11.10 11.76
CA PRO C 262 20.28 12.14 12.39
C PRO C 262 20.82 13.19 11.41
N ARG C 263 20.99 12.79 10.15
CA ARG C 263 21.51 13.68 9.11
C ARG C 263 20.43 14.41 8.34
N THR C 264 19.16 14.28 8.76
CA THR C 264 18.07 14.95 8.07
C THR C 264 17.00 15.45 9.03
N GLY C 265 16.78 14.70 10.11
CA GLY C 265 15.76 15.08 11.06
C GLY C 265 14.43 14.81 10.39
N ARG C 266 14.40 13.73 9.61
CA ARG C 266 13.19 13.33 8.90
C ARG C 266 13.06 11.81 8.87
N LEU C 267 11.81 11.35 8.77
CA LEU C 267 11.52 9.94 8.74
C LEU C 267 11.73 9.40 7.34
N HIS C 268 12.53 8.35 7.25
CA HIS C 268 12.80 7.78 5.94
C HIS C 268 12.26 6.38 5.80
N THR C 269 11.19 6.32 5.03
CA THR C 269 10.49 5.09 4.75
C THR C 269 11.15 4.31 3.61
N ARG C 270 10.64 3.10 3.39
CA ARG C 270 11.11 2.24 2.33
C ARG C 270 9.86 1.91 1.51
N PHE C 271 9.78 2.43 0.29
CA PHE C 271 8.63 2.16 -0.57
C PHE C 271 8.99 1.00 -1.50
N ASN C 272 8.66 -0.23 -1.07
CA ASN C 272 8.96 -1.43 -1.84
C ASN C 272 8.12 -1.59 -3.11
N GLN C 273 8.82 -1.75 -4.23
CA GLN C 273 8.19 -1.88 -5.55
C GLN C 273 7.66 -3.26 -5.94
N THR C 274 8.47 -4.29 -5.73
CA THR C 274 8.07 -5.66 -6.07
C THR C 274 7.74 -6.48 -4.83
N ALA C 275 6.69 -6.09 -4.11
CA ALA C 275 6.34 -6.81 -2.88
C ALA C 275 4.87 -7.15 -2.76
N THR C 276 4.07 -6.61 -3.67
CA THR C 276 2.62 -6.81 -3.68
C THR C 276 2.16 -7.74 -4.81
N ALA C 277 1.02 -8.41 -4.61
CA ALA C 277 0.51 -9.31 -5.63
C ALA C 277 -0.38 -8.61 -6.64
N THR C 278 -0.95 -7.49 -6.23
CA THR C 278 -1.84 -6.72 -7.09
C THR C 278 -1.09 -5.66 -7.89
N GLY C 279 0.16 -5.41 -7.51
CA GLY C 279 0.93 -4.39 -8.18
C GLY C 279 0.95 -3.14 -7.33
N ARG C 280 0.29 -3.24 -6.17
CA ARG C 280 0.23 -2.14 -5.21
C ARG C 280 1.63 -1.96 -4.64
N LEU C 281 1.85 -0.79 -4.03
CA LEU C 281 3.14 -0.52 -3.41
C LEU C 281 2.99 -0.87 -1.94
N SER C 282 4.08 -0.80 -1.20
CA SER C 282 4.03 -1.08 0.23
C SER C 282 5.27 -0.45 0.86
N SER C 283 5.11 0.08 2.06
CA SER C 283 6.23 0.71 2.73
C SER C 283 6.73 -0.06 3.96
N SER C 284 8.04 -0.04 4.12
CA SER C 284 8.72 -0.73 5.20
C SER C 284 9.48 0.22 6.13
N ASP C 285 9.90 -0.35 7.25
CA ASP C 285 10.70 0.30 8.27
C ASP C 285 11.08 1.76 8.01
N PRO C 286 10.24 2.70 8.39
CA PRO C 286 8.95 2.47 9.02
C PRO C 286 7.89 2.60 7.95
N ASN C 287 6.72 2.02 8.19
CA ASN C 287 5.64 2.11 7.22
C ASN C 287 4.83 3.34 7.54
N LEU C 288 4.84 4.30 6.63
CA LEU C 288 4.09 5.52 6.84
C LEU C 288 2.83 5.50 5.99
N GLN C 289 2.39 4.30 5.64
CA GLN C 289 1.19 4.13 4.83
C GLN C 289 0.00 3.77 5.70
N ASN C 290 0.22 3.59 6.99
CA ASN C 290 -0.86 3.24 7.90
C ASN C 290 -0.97 4.26 9.02
N ILE C 291 -0.45 5.46 8.79
CA ILE C 291 -0.51 6.48 9.81
C ILE C 291 -1.98 6.70 10.14
N PRO C 292 -2.35 6.50 11.41
CA PRO C 292 -3.72 6.67 11.92
C PRO C 292 -4.40 7.92 11.40
N VAL C 293 -5.72 7.95 11.52
CA VAL C 293 -6.48 9.11 11.06
C VAL C 293 -7.96 9.14 11.48
N ARG C 294 -8.50 8.00 11.93
CA ARG C 294 -9.91 7.94 12.33
C ARG C 294 -10.23 8.35 13.78
N THR C 295 -9.54 7.80 14.77
CA THR C 295 -9.81 8.14 16.16
C THR C 295 -9.27 9.54 16.49
N PRO C 296 -9.71 10.13 17.61
CA PRO C 296 -9.18 11.45 17.92
C PRO C 296 -7.69 11.28 18.10
N LEU C 297 -7.34 10.24 18.83
CA LEU C 297 -5.95 9.92 19.11
C LEU C 297 -5.12 9.84 17.84
N GLY C 298 -5.59 9.04 16.89
CA GLY C 298 -4.87 8.87 15.64
C GLY C 298 -4.74 10.15 14.84
N GLN C 299 -5.71 11.05 14.98
CA GLN C 299 -5.69 12.32 14.27
C GLN C 299 -4.56 13.18 14.83
N ARG C 300 -4.48 13.25 16.15
CA ARG C 300 -3.42 14.02 16.81
C ARG C 300 -2.06 13.51 16.33
N ILE C 301 -1.97 12.20 16.16
CA ILE C 301 -0.74 11.56 15.71
C ILE C 301 -0.42 12.06 14.31
N ARG C 302 -1.44 12.14 13.47
CA ARG C 302 -1.29 12.63 12.11
C ARG C 302 -0.71 14.05 12.10
N ARG C 303 -1.10 14.85 13.08
CA ARG C 303 -0.62 16.22 13.19
C ARG C 303 0.90 16.24 13.19
N ALA C 304 1.51 15.38 14.02
CA ALA C 304 2.96 15.29 14.14
C ALA C 304 3.74 15.19 12.83
N PHE C 305 3.03 15.09 11.71
CA PHE C 305 3.69 15.02 10.40
C PHE C 305 3.58 16.42 9.78
N ILE C 306 4.59 17.24 10.03
CA ILE C 306 4.60 18.60 9.52
C ILE C 306 5.56 18.76 8.35
N ALA C 307 5.63 19.96 7.79
CA ALA C 307 6.51 20.22 6.66
C ALA C 307 7.57 21.27 6.99
N GLU C 308 8.75 21.11 6.38
CA GLU C 308 9.89 22.01 6.55
C GLU C 308 9.39 23.45 6.64
N GLU C 309 9.74 24.15 7.71
CA GLU C 309 9.29 25.53 7.88
C GLU C 309 9.38 26.29 6.56
N GLY C 310 8.49 27.26 6.37
CA GLY C 310 8.51 28.05 5.16
C GLY C 310 7.95 27.30 3.98
N TRP C 311 7.48 26.09 4.24
CA TRP C 311 6.87 25.24 3.22
C TRP C 311 5.41 24.96 3.61
N LEU C 312 4.83 23.94 2.99
CA LEU C 312 3.45 23.52 3.25
C LEU C 312 3.28 22.08 2.77
N LEU C 313 2.14 21.48 3.11
CA LEU C 313 1.87 20.11 2.69
C LEU C 313 0.73 20.06 1.70
N VAL C 314 0.89 19.26 0.65
CA VAL C 314 -0.16 19.13 -0.35
C VAL C 314 -0.63 17.69 -0.39
N ALA C 315 -1.89 17.47 0.00
CA ALA C 315 -2.47 16.12 0.01
C ALA C 315 -3.50 15.97 -1.10
N LEU C 316 -3.33 14.94 -1.91
CA LEU C 316 -4.26 14.70 -3.01
C LEU C 316 -4.78 13.26 -3.06
N ASP C 317 -6.07 13.11 -2.76
CA ASP C 317 -6.74 11.81 -2.72
C ASP C 317 -7.70 11.53 -3.88
N TYR C 318 -7.42 10.50 -4.67
CA TYR C 318 -8.27 10.10 -5.79
C TYR C 318 -9.59 9.68 -5.18
N SER C 319 -10.66 10.41 -5.50
CA SER C 319 -11.97 10.12 -4.96
C SER C 319 -12.47 8.77 -5.45
N GLN C 320 -12.52 7.80 -4.54
CA GLN C 320 -12.97 6.44 -4.85
C GLN C 320 -12.57 6.01 -6.25
N ILE C 321 -11.28 5.74 -6.41
CA ILE C 321 -10.75 5.35 -7.70
C ILE C 321 -11.10 3.91 -8.11
N GLU C 322 -11.18 3.02 -7.14
CA GLU C 322 -11.49 1.62 -7.41
C GLU C 322 -12.89 1.40 -8.02
N LEU C 323 -13.87 2.19 -7.59
CA LEU C 323 -15.23 2.07 -8.12
C LEU C 323 -15.24 2.52 -9.56
N ARG C 324 -14.73 3.73 -9.77
CA ARG C 324 -14.65 4.34 -11.11
C ARG C 324 -13.86 3.42 -12.03
N VAL C 325 -12.79 2.84 -11.49
CA VAL C 325 -11.96 1.91 -12.25
C VAL C 325 -12.90 0.81 -12.72
N LEU C 326 -13.64 0.23 -11.77
CA LEU C 326 -14.58 -0.83 -12.06
C LEU C 326 -15.50 -0.37 -13.19
N ALA C 327 -16.06 0.82 -13.02
CA ALA C 327 -16.94 1.41 -14.01
C ALA C 327 -16.31 1.25 -15.38
N HIS C 328 -15.18 1.90 -15.61
CA HIS C 328 -14.49 1.80 -16.89
C HIS C 328 -14.27 0.35 -17.30
N LEU C 329 -13.89 -0.46 -16.32
CA LEU C 329 -13.61 -1.88 -16.51
C LEU C 329 -14.83 -2.70 -16.92
N SER C 330 -15.89 -2.58 -16.12
CA SER C 330 -17.14 -3.31 -16.33
C SER C 330 -17.89 -2.92 -17.59
N GLY C 331 -18.30 -1.65 -17.64
CA GLY C 331 -19.02 -1.17 -18.80
C GLY C 331 -20.44 -0.80 -18.46
N ASP C 332 -20.84 -1.06 -17.22
CA ASP C 332 -22.19 -0.75 -16.75
C ASP C 332 -22.58 0.68 -17.07
N GLU C 333 -23.11 0.91 -18.27
CA GLU C 333 -23.52 2.25 -18.68
C GLU C 333 -24.28 2.94 -17.57
N ASN C 334 -24.95 2.15 -16.73
CA ASN C 334 -25.74 2.69 -15.64
C ASN C 334 -24.88 3.17 -14.48
N LEU C 335 -23.72 2.56 -14.32
CA LEU C 335 -22.80 2.94 -13.27
C LEU C 335 -22.01 4.16 -13.73
N ILE C 336 -21.38 4.04 -14.90
CA ILE C 336 -20.59 5.12 -15.47
C ILE C 336 -21.36 6.44 -15.48
N ARG C 337 -22.63 6.37 -15.89
CA ARG C 337 -23.47 7.55 -15.94
C ARG C 337 -23.45 8.24 -14.58
N VAL C 338 -23.63 7.45 -13.53
CA VAL C 338 -23.63 7.94 -12.16
C VAL C 338 -22.37 8.77 -11.87
N PHE C 339 -21.23 8.31 -12.34
CA PHE C 339 -19.98 9.02 -12.12
C PHE C 339 -19.83 10.24 -13.03
N GLN C 340 -20.33 10.11 -14.26
CA GLN C 340 -20.25 11.22 -15.21
C GLN C 340 -21.22 12.33 -14.84
N GLU C 341 -22.45 11.95 -14.50
CA GLU C 341 -23.45 12.94 -14.12
C GLU C 341 -22.98 13.70 -12.89
N GLY C 342 -21.78 13.37 -12.42
CA GLY C 342 -21.22 14.03 -11.25
C GLY C 342 -22.08 13.80 -10.03
N ARG C 343 -22.64 12.60 -9.94
CA ARG C 343 -23.51 12.24 -8.83
C ARG C 343 -22.80 11.41 -7.76
N ASP C 344 -23.36 11.42 -6.55
CA ASP C 344 -22.81 10.68 -5.41
C ASP C 344 -23.22 9.19 -5.49
N ILE C 345 -22.30 8.36 -6.02
CA ILE C 345 -22.55 6.93 -6.18
C ILE C 345 -23.37 6.31 -5.07
N HIS C 346 -22.89 6.40 -3.84
CA HIS C 346 -23.59 5.84 -2.69
C HIS C 346 -25.01 6.41 -2.55
N THR C 347 -25.25 7.54 -3.20
CA THR C 347 -26.56 8.18 -3.14
C THR C 347 -27.43 7.72 -4.30
N GLU C 348 -26.89 7.78 -5.52
CA GLU C 348 -27.62 7.35 -6.70
C GLU C 348 -27.83 5.84 -6.72
N THR C 349 -26.78 5.09 -6.35
CA THR C 349 -26.86 3.64 -6.31
C THR C 349 -28.02 3.32 -5.39
N ALA C 350 -28.08 4.06 -4.27
CA ALA C 350 -29.13 3.89 -3.29
C ALA C 350 -30.49 4.20 -3.93
N SER C 351 -30.53 5.28 -4.70
CA SER C 351 -31.75 5.72 -5.38
C SER C 351 -32.17 4.79 -6.52
N TRP C 352 -31.43 3.70 -6.69
CA TRP C 352 -31.73 2.76 -7.77
C TRP C 352 -32.31 1.45 -7.25
N MET C 353 -31.52 0.72 -6.48
CA MET C 353 -31.92 -0.57 -5.92
C MET C 353 -33.20 -0.50 -5.08
N PHE C 354 -33.64 0.71 -4.78
CA PHE C 354 -34.85 0.92 -3.97
C PHE C 354 -36.04 1.37 -4.83
N GLY C 355 -35.78 1.78 -6.07
CA GLY C 355 -36.85 2.25 -6.93
C GLY C 355 -37.60 3.37 -6.23
N VAL C 356 -36.88 4.03 -5.33
CA VAL C 356 -37.43 5.13 -4.54
C VAL C 356 -37.58 6.40 -5.35
N PRO C 357 -38.75 7.08 -5.22
CA PRO C 357 -38.97 8.32 -5.97
C PRO C 357 -37.81 9.31 -5.71
N ARG C 358 -36.90 9.43 -6.68
CA ARG C 358 -35.75 10.32 -6.55
C ARG C 358 -34.83 9.92 -5.40
N GLU C 359 -33.84 10.77 -5.12
CA GLU C 359 -32.88 10.48 -4.07
C GLU C 359 -33.31 10.99 -2.70
N ALA C 360 -34.60 11.13 -2.48
CA ALA C 360 -35.11 11.65 -1.20
C ALA C 360 -35.47 10.61 -0.13
N VAL C 361 -35.42 11.07 1.14
CA VAL C 361 -35.75 10.29 2.33
C VAL C 361 -35.13 8.90 2.50
N ASP C 362 -33.81 8.79 2.31
CA ASP C 362 -33.12 7.50 2.47
C ASP C 362 -31.84 7.62 3.34
N PRO C 363 -31.96 8.14 4.57
CA PRO C 363 -30.78 8.29 5.44
C PRO C 363 -29.97 7.01 5.66
N LEU C 364 -30.65 5.92 5.98
CA LEU C 364 -29.99 4.63 6.22
C LEU C 364 -29.67 3.89 4.92
N MET C 365 -30.43 4.18 3.88
CA MET C 365 -30.23 3.52 2.58
C MET C 365 -28.95 3.94 1.88
N ARG C 366 -28.30 5.00 2.36
CA ARG C 366 -27.04 5.46 1.77
C ARG C 366 -25.88 4.79 2.50
N ARG C 367 -26.13 4.41 3.75
CA ARG C 367 -25.13 3.72 4.54
C ARG C 367 -25.00 2.37 3.84
N ALA C 368 -26.09 1.98 3.16
CA ALA C 368 -26.15 0.72 2.43
C ALA C 368 -25.27 0.72 1.19
N ALA C 369 -25.69 1.46 0.17
CA ALA C 369 -24.97 1.55 -1.10
C ALA C 369 -23.46 1.43 -0.93
N LYS C 370 -22.93 2.12 0.08
CA LYS C 370 -21.50 2.10 0.37
C LYS C 370 -20.99 0.68 0.46
N THR C 371 -21.53 -0.10 1.39
CA THR C 371 -21.11 -1.48 1.57
C THR C 371 -21.36 -2.35 0.35
N ILE C 372 -22.47 -2.12 -0.33
CA ILE C 372 -22.75 -2.91 -1.53
C ILE C 372 -21.63 -2.68 -2.51
N ASN C 373 -21.33 -1.42 -2.75
CA ASN C 373 -20.26 -1.07 -3.66
C ASN C 373 -18.94 -1.62 -3.13
N PHE C 374 -18.58 -1.23 -1.92
CA PHE C 374 -17.34 -1.70 -1.30
C PHE C 374 -17.47 -3.20 -1.02
N GLY C 375 -18.63 -3.75 -1.36
CA GLY C 375 -18.84 -5.17 -1.16
C GLY C 375 -18.51 -5.83 -2.48
N VAL C 376 -19.33 -5.55 -3.48
CA VAL C 376 -19.14 -6.09 -4.82
C VAL C 376 -17.68 -6.05 -5.24
N LEU C 377 -16.98 -5.01 -4.81
CA LEU C 377 -15.57 -4.82 -5.13
C LEU C 377 -14.72 -6.06 -4.82
N TYR C 378 -15.07 -6.77 -3.76
CA TYR C 378 -14.35 -7.99 -3.42
C TYR C 378 -15.35 -9.08 -3.05
N GLY C 379 -16.56 -8.93 -3.59
CA GLY C 379 -17.62 -9.89 -3.34
C GLY C 379 -17.96 -10.20 -1.90
N MET C 380 -18.56 -9.25 -1.20
CA MET C 380 -18.94 -9.47 0.20
C MET C 380 -20.22 -10.29 0.18
N SER C 381 -20.22 -11.39 0.93
CA SER C 381 -21.37 -12.28 1.00
C SER C 381 -22.51 -11.67 1.81
N ALA C 382 -23.74 -11.97 1.39
CA ALA C 382 -24.94 -11.46 2.05
C ALA C 382 -24.92 -11.61 3.56
N HIS C 383 -24.40 -12.75 4.04
CA HIS C 383 -24.32 -13.00 5.47
C HIS C 383 -23.43 -11.93 6.12
N ARG C 384 -22.23 -11.78 5.58
CA ARG C 384 -21.28 -10.80 6.08
C ARG C 384 -21.90 -9.41 5.98
N LEU C 385 -22.95 -9.29 5.17
CA LEU C 385 -23.64 -8.02 5.01
C LEU C 385 -24.66 -7.90 6.14
N SER C 386 -25.24 -9.03 6.51
CA SER C 386 -26.22 -9.07 7.58
C SER C 386 -25.49 -8.74 8.88
N GLN C 387 -24.39 -9.45 9.12
CA GLN C 387 -23.60 -9.21 10.32
C GLN C 387 -23.21 -7.74 10.32
N GLU C 388 -22.48 -7.33 9.30
CA GLU C 388 -22.04 -5.96 9.14
C GLU C 388 -23.27 -5.05 9.23
N LEU C 389 -23.88 -4.79 8.08
CA LEU C 389 -25.07 -3.96 8.04
C LEU C 389 -26.23 -4.72 8.68
N ALA C 390 -27.04 -4.01 9.45
CA ALA C 390 -28.17 -4.64 10.13
C ALA C 390 -29.28 -5.10 9.17
N ILE C 391 -29.26 -6.38 8.79
CA ILE C 391 -30.26 -6.96 7.91
C ILE C 391 -30.25 -8.50 8.03
N PRO C 392 -31.35 -9.16 7.62
CA PRO C 392 -31.44 -10.62 7.68
C PRO C 392 -30.93 -11.31 6.42
N TYR C 393 -30.56 -12.59 6.55
CA TYR C 393 -30.07 -13.37 5.42
C TYR C 393 -31.24 -13.74 4.51
N GLU C 394 -32.05 -12.73 4.19
CA GLU C 394 -33.20 -12.88 3.32
C GLU C 394 -33.25 -11.58 2.55
N GLU C 395 -32.79 -10.52 3.21
CA GLU C 395 -32.73 -9.18 2.65
C GLU C 395 -31.34 -8.97 2.05
N ALA C 396 -30.34 -9.58 2.68
CA ALA C 396 -28.97 -9.49 2.21
C ALA C 396 -28.86 -10.21 0.87
N GLN C 397 -29.76 -11.16 0.66
CA GLN C 397 -29.80 -11.94 -0.58
C GLN C 397 -30.43 -11.10 -1.67
N ALA C 398 -31.50 -10.40 -1.31
CA ALA C 398 -32.24 -9.55 -2.24
C ALA C 398 -31.44 -8.30 -2.62
N PHE C 399 -30.80 -7.69 -1.63
CA PHE C 399 -30.02 -6.49 -1.88
C PHE C 399 -29.03 -6.78 -3.00
N ILE C 400 -28.28 -7.86 -2.84
CA ILE C 400 -27.29 -8.26 -3.84
C ILE C 400 -27.93 -8.37 -5.23
N GLU C 401 -29.18 -8.81 -5.27
CA GLU C 401 -29.89 -8.96 -6.54
C GLU C 401 -30.43 -7.63 -7.06
N ARG C 402 -31.07 -6.87 -6.19
CA ARG C 402 -31.61 -5.57 -6.59
C ARG C 402 -30.46 -4.71 -7.11
N TYR C 403 -29.31 -4.85 -6.48
CA TYR C 403 -28.11 -4.10 -6.86
C TYR C 403 -27.62 -4.48 -8.25
N PHE C 404 -27.64 -5.78 -8.55
CA PHE C 404 -27.17 -6.23 -9.85
C PHE C 404 -28.16 -5.90 -10.95
N GLN C 405 -29.45 -5.86 -10.61
CA GLN C 405 -30.46 -5.52 -11.58
C GLN C 405 -30.06 -4.19 -12.19
N SER C 406 -29.57 -3.29 -11.33
CA SER C 406 -29.13 -1.97 -11.76
C SER C 406 -27.77 -2.04 -12.45
N PHE C 407 -26.87 -2.84 -11.90
CA PHE C 407 -25.53 -2.96 -12.46
C PHE C 407 -25.21 -4.37 -12.95
N PRO C 408 -25.73 -4.73 -14.12
CA PRO C 408 -25.54 -6.03 -14.78
C PRO C 408 -24.11 -6.34 -15.22
N LYS C 409 -23.58 -5.49 -16.11
CA LYS C 409 -22.23 -5.68 -16.63
C LYS C 409 -21.21 -5.97 -15.55
N VAL C 410 -21.46 -5.48 -14.33
CA VAL C 410 -20.55 -5.73 -13.21
C VAL C 410 -20.49 -7.24 -13.02
N ARG C 411 -21.65 -7.80 -12.69
CA ARG C 411 -21.78 -9.25 -12.50
C ARG C 411 -21.09 -9.92 -13.68
N ALA C 412 -21.56 -9.58 -14.87
CA ALA C 412 -21.02 -10.11 -16.10
C ALA C 412 -19.50 -10.05 -16.09
N TRP C 413 -18.97 -8.86 -15.91
CA TRP C 413 -17.53 -8.69 -15.90
C TRP C 413 -16.88 -9.61 -14.88
N ILE C 414 -17.52 -9.73 -13.72
CA ILE C 414 -17.01 -10.56 -12.67
C ILE C 414 -16.86 -11.97 -13.21
N GLU C 415 -17.95 -12.53 -13.73
CA GLU C 415 -17.90 -13.88 -14.27
C GLU C 415 -17.03 -14.00 -15.51
N LYS C 416 -16.98 -12.94 -16.30
CA LYS C 416 -16.16 -12.95 -17.51
C LYS C 416 -14.74 -13.24 -17.06
N THR C 417 -14.14 -12.25 -16.41
CA THR C 417 -12.78 -12.36 -15.92
C THR C 417 -12.57 -13.69 -15.19
N LEU C 418 -13.42 -13.97 -14.20
CA LEU C 418 -13.33 -15.21 -13.45
C LEU C 418 -13.13 -16.38 -14.40
N GLU C 419 -14.04 -16.51 -15.34
CA GLU C 419 -13.93 -17.56 -16.32
C GLU C 419 -12.54 -17.45 -16.89
N GLU C 420 -12.33 -16.40 -17.67
CA GLU C 420 -11.04 -16.14 -18.31
C GLU C 420 -9.89 -16.57 -17.41
N GLY C 421 -10.05 -16.31 -16.11
CA GLY C 421 -9.03 -16.68 -15.17
C GLY C 421 -8.64 -18.15 -15.25
N ARG C 422 -9.64 -19.02 -15.14
CA ARG C 422 -9.42 -20.47 -15.19
C ARG C 422 -8.86 -20.99 -16.50
N ARG C 423 -9.30 -20.40 -17.61
CA ARG C 423 -8.81 -20.81 -18.92
C ARG C 423 -7.33 -20.44 -19.02
N ARG C 424 -7.03 -19.16 -18.78
CA ARG C 424 -5.66 -18.64 -18.86
C ARG C 424 -4.82 -19.00 -17.65
N GLY C 425 -5.41 -18.83 -16.46
CA GLY C 425 -4.68 -19.14 -15.24
C GLY C 425 -4.25 -17.90 -14.50
N TYR C 426 -4.57 -16.74 -15.08
CA TYR C 426 -4.20 -15.46 -14.49
C TYR C 426 -5.26 -14.43 -14.84
N VAL C 427 -5.16 -13.26 -14.23
CA VAL C 427 -6.07 -12.16 -14.50
C VAL C 427 -5.19 -10.94 -14.63
N GLU C 428 -5.67 -9.91 -15.32
CA GLU C 428 -4.86 -8.72 -15.51
C GLU C 428 -5.58 -7.41 -15.25
N THR C 429 -4.81 -6.32 -15.43
CA THR C 429 -5.29 -4.96 -15.24
C THR C 429 -5.47 -4.33 -16.61
N LEU C 430 -5.91 -3.07 -16.62
CA LEU C 430 -6.13 -2.38 -17.88
C LEU C 430 -4.90 -2.31 -18.76
N PHE C 431 -3.73 -2.27 -18.14
CA PHE C 431 -2.49 -2.17 -18.88
C PHE C 431 -1.82 -3.51 -19.15
N GLY C 432 -2.37 -4.59 -18.59
CA GLY C 432 -1.81 -5.90 -18.81
C GLY C 432 -1.11 -6.56 -17.64
N ARG C 433 -1.12 -5.93 -16.46
CA ARG C 433 -0.46 -6.52 -15.31
C ARG C 433 -1.28 -7.73 -14.92
N ARG C 434 -0.64 -8.89 -14.82
CA ARG C 434 -1.36 -10.11 -14.47
C ARG C 434 -0.92 -10.75 -13.16
N ARG C 435 -1.87 -11.46 -12.53
CA ARG C 435 -1.64 -12.16 -11.28
C ARG C 435 -2.20 -13.57 -11.42
N TYR C 436 -1.33 -14.57 -11.36
CA TYR C 436 -1.78 -15.94 -11.50
C TYR C 436 -2.61 -16.37 -10.30
N VAL C 437 -3.66 -17.15 -10.58
CA VAL C 437 -4.57 -17.64 -9.55
C VAL C 437 -4.92 -19.11 -9.87
N PRO C 438 -4.01 -20.03 -9.52
CA PRO C 438 -4.15 -21.47 -9.75
C PRO C 438 -5.36 -22.19 -9.15
N ASP C 439 -5.73 -21.78 -7.94
CA ASP C 439 -6.85 -22.43 -7.26
C ASP C 439 -8.25 -22.04 -7.69
N LEU C 440 -8.42 -21.71 -8.96
CA LEU C 440 -9.74 -21.36 -9.44
C LEU C 440 -10.42 -22.65 -9.82
N GLU C 441 -9.61 -23.64 -10.16
CA GLU C 441 -10.12 -24.95 -10.56
C GLU C 441 -9.86 -25.94 -9.42
N ALA C 442 -10.04 -25.46 -8.20
CA ALA C 442 -9.82 -26.32 -7.03
C ALA C 442 -11.14 -26.91 -6.59
N ARG C 443 -11.11 -28.18 -6.19
CA ARG C 443 -12.31 -28.90 -5.74
C ARG C 443 -12.94 -28.37 -4.45
N VAL C 444 -12.15 -27.80 -3.55
CA VAL C 444 -12.69 -27.29 -2.30
C VAL C 444 -13.43 -25.97 -2.49
N LYS C 445 -14.74 -26.03 -2.38
CA LYS C 445 -15.56 -24.85 -2.53
C LYS C 445 -14.96 -23.76 -1.67
N SER C 446 -14.45 -24.15 -0.51
CA SER C 446 -13.84 -23.21 0.41
C SER C 446 -12.68 -22.48 -0.28
N VAL C 447 -11.62 -23.21 -0.59
CA VAL C 447 -10.47 -22.56 -1.20
C VAL C 447 -10.82 -21.92 -2.53
N ARG C 448 -11.53 -22.63 -3.40
CA ARG C 448 -11.88 -22.07 -4.69
C ARG C 448 -12.54 -20.69 -4.56
N GLU C 449 -13.69 -20.65 -3.90
CA GLU C 449 -14.42 -19.40 -3.73
C GLU C 449 -13.50 -18.25 -3.28
N ALA C 450 -12.50 -18.58 -2.46
CA ALA C 450 -11.55 -17.58 -1.99
C ALA C 450 -10.72 -17.15 -3.19
N ALA C 451 -10.23 -18.15 -3.93
CA ALA C 451 -9.41 -17.91 -5.11
C ALA C 451 -10.09 -16.87 -5.97
N GLU C 452 -11.40 -17.01 -6.12
CA GLU C 452 -12.21 -16.11 -6.93
C GLU C 452 -12.12 -14.68 -6.43
N ARG C 453 -12.46 -14.46 -5.16
CA ARG C 453 -12.40 -13.12 -4.60
C ARG C 453 -11.02 -12.51 -4.87
N MET C 454 -9.97 -13.25 -4.57
CA MET C 454 -8.62 -12.75 -4.81
C MET C 454 -8.51 -12.44 -6.31
N ALA C 455 -8.70 -13.49 -7.10
CA ALA C 455 -8.62 -13.43 -8.56
C ALA C 455 -9.39 -12.31 -9.25
N PHE C 456 -10.57 -11.96 -8.74
CA PHE C 456 -11.36 -10.93 -9.39
C PHE C 456 -11.17 -9.50 -8.90
N ASN C 457 -10.67 -9.33 -7.68
CA ASN C 457 -10.46 -7.99 -7.16
C ASN C 457 -9.20 -7.39 -7.76
N MET C 458 -8.22 -8.23 -8.01
CA MET C 458 -6.92 -7.82 -8.53
C MET C 458 -6.95 -6.80 -9.66
N PRO C 459 -7.79 -7.01 -10.67
CA PRO C 459 -7.80 -6.02 -11.73
C PRO C 459 -8.23 -4.62 -11.29
N VAL C 460 -9.30 -4.51 -10.48
CA VAL C 460 -9.73 -3.17 -10.07
C VAL C 460 -8.81 -2.58 -9.02
N GLN C 461 -7.80 -3.35 -8.63
CA GLN C 461 -6.83 -2.83 -7.67
C GLN C 461 -5.54 -2.59 -8.43
N GLY C 462 -5.05 -3.63 -9.13
CA GLY C 462 -3.84 -3.50 -9.91
C GLY C 462 -3.95 -2.31 -10.85
N THR C 463 -5.07 -2.24 -11.57
CA THR C 463 -5.30 -1.13 -12.50
C THR C 463 -5.21 0.19 -11.74
N ALA C 464 -6.11 0.40 -10.79
CA ALA C 464 -6.10 1.62 -9.98
C ALA C 464 -4.67 1.92 -9.56
N ALA C 465 -3.90 0.86 -9.27
CA ALA C 465 -2.51 1.03 -8.86
C ALA C 465 -1.74 1.57 -10.04
N ASP C 466 -1.75 0.84 -11.15
CA ASP C 466 -1.05 1.30 -12.33
C ASP C 466 -1.39 2.78 -12.59
N LEU C 467 -2.66 3.14 -12.41
CA LEU C 467 -3.05 4.53 -12.63
C LEU C 467 -2.12 5.40 -11.82
N MET C 468 -2.29 5.37 -10.50
CA MET C 468 -1.45 6.17 -9.63
C MET C 468 0.02 5.98 -10.00
N LYS C 469 0.46 4.74 -10.13
CA LYS C 469 1.85 4.51 -10.48
C LYS C 469 2.23 5.40 -11.66
N LEU C 470 1.41 5.40 -12.70
CA LEU C 470 1.70 6.23 -13.87
C LEU C 470 1.78 7.69 -13.44
N ALA C 471 0.72 8.17 -12.80
CA ALA C 471 0.65 9.55 -12.34
C ALA C 471 1.93 9.94 -11.64
N MET C 472 2.31 9.18 -10.63
CA MET C 472 3.52 9.44 -9.87
C MET C 472 4.73 9.61 -10.77
N VAL C 473 4.77 8.83 -11.85
CA VAL C 473 5.89 8.90 -12.78
C VAL C 473 5.75 10.15 -13.65
N LYS C 474 4.52 10.47 -14.03
CA LYS C 474 4.28 11.65 -14.85
C LYS C 474 4.60 12.93 -14.07
N LEU C 475 4.03 13.02 -12.87
CA LEU C 475 4.18 14.18 -11.99
C LEU C 475 5.59 14.61 -11.56
N PHE C 476 6.26 13.79 -10.77
CA PHE C 476 7.59 14.11 -10.28
C PHE C 476 8.47 15.01 -11.12
N PRO C 477 8.59 14.75 -12.43
CA PRO C 477 9.46 15.65 -13.21
C PRO C 477 9.02 17.10 -13.05
N ARG C 478 7.79 17.38 -13.45
CA ARG C 478 7.26 18.74 -13.34
C ARG C 478 7.38 19.19 -11.88
N LEU C 479 7.46 18.22 -10.98
CA LEU C 479 7.61 18.52 -9.57
C LEU C 479 8.92 19.29 -9.41
N GLU C 480 10.03 18.60 -9.66
CA GLU C 480 11.35 19.18 -9.56
C GLU C 480 11.45 20.42 -10.42
N GLU C 481 10.80 20.39 -11.57
CA GLU C 481 10.79 21.54 -12.47
C GLU C 481 10.01 22.66 -11.78
N MET C 482 9.78 22.49 -10.48
CA MET C 482 9.03 23.46 -9.68
C MET C 482 9.70 23.62 -8.31
N GLY C 483 10.63 22.72 -8.01
CA GLY C 483 11.34 22.77 -6.74
C GLY C 483 10.60 22.12 -5.59
N ALA C 484 9.47 21.47 -5.89
CA ALA C 484 8.67 20.79 -4.85
C ALA C 484 9.06 19.32 -4.75
N ARG C 485 8.70 18.68 -3.65
CA ARG C 485 9.05 17.27 -3.46
C ARG C 485 7.85 16.36 -3.22
N MET C 486 8.04 15.08 -3.53
CA MET C 486 7.02 14.08 -3.33
C MET C 486 7.40 13.33 -2.05
N LEU C 487 6.60 13.48 -1.01
CA LEU C 487 6.89 12.85 0.26
C LEU C 487 6.37 11.43 0.44
N LEU C 488 5.06 11.27 0.45
CA LEU C 488 4.46 9.95 0.64
C LEU C 488 3.33 9.66 -0.33
N GLN C 489 3.12 8.36 -0.56
CA GLN C 489 2.05 7.88 -1.43
C GLN C 489 1.32 6.80 -0.63
N VAL C 490 0.00 6.84 -0.60
CA VAL C 490 -0.76 5.85 0.15
C VAL C 490 -1.80 5.08 -0.68
N HIS C 491 -1.32 4.41 -1.73
CA HIS C 491 -2.17 3.61 -2.60
C HIS C 491 -3.08 4.37 -3.56
N ASP C 492 -3.91 5.28 -3.05
CA ASP C 492 -4.77 6.06 -3.92
C ASP C 492 -4.71 7.56 -3.62
N GLU C 493 -3.75 7.98 -2.80
CA GLU C 493 -3.60 9.38 -2.45
C GLU C 493 -2.12 9.75 -2.26
N LEU C 494 -1.78 11.02 -2.48
CA LEU C 494 -0.40 11.49 -2.35
C LEU C 494 -0.19 12.68 -1.39
N VAL C 495 1.05 12.85 -0.96
CA VAL C 495 1.44 13.93 -0.05
C VAL C 495 2.73 14.57 -0.57
N LEU C 496 2.65 15.87 -0.85
CA LEU C 496 3.77 16.60 -1.38
C LEU C 496 4.28 17.71 -0.51
N GLU C 497 5.44 18.24 -0.89
CA GLU C 497 6.06 19.34 -0.18
C GLU C 497 6.45 20.47 -1.13
N ALA C 498 5.80 21.62 -0.94
CA ALA C 498 6.04 22.80 -1.76
C ALA C 498 6.29 24.00 -0.84
N PRO C 499 6.96 25.03 -1.35
CA PRO C 499 7.22 26.20 -0.51
C PRO C 499 6.00 27.14 -0.52
N LYS C 500 5.71 27.73 0.63
CA LYS C 500 4.57 28.64 0.79
C LYS C 500 4.32 29.48 -0.47
N GLU C 501 5.40 29.90 -1.12
CA GLU C 501 5.31 30.71 -2.33
C GLU C 501 4.49 30.05 -3.43
N ARG C 502 4.96 28.92 -3.93
CA ARG C 502 4.29 28.21 -5.01
C ARG C 502 3.32 27.14 -4.52
N ALA C 503 3.43 26.80 -3.24
CA ALA C 503 2.58 25.79 -2.62
C ALA C 503 1.22 25.56 -3.29
N GLU C 504 0.42 26.61 -3.39
CA GLU C 504 -0.91 26.50 -3.99
C GLU C 504 -0.93 26.37 -5.50
N ALA C 505 0.11 26.89 -6.15
CA ALA C 505 0.18 26.82 -7.60
C ALA C 505 0.51 25.39 -7.99
N VAL C 506 0.95 24.60 -7.02
CA VAL C 506 1.32 23.20 -7.24
C VAL C 506 0.10 22.26 -7.17
N ALA C 507 -0.73 22.44 -6.15
CA ALA C 507 -1.92 21.63 -5.99
C ALA C 507 -2.62 21.57 -7.35
N ARG C 508 -3.18 22.69 -7.76
CA ARG C 508 -3.89 22.81 -9.03
C ARG C 508 -3.30 21.91 -10.12
N LEU C 509 -1.97 21.93 -10.22
CA LEU C 509 -1.25 21.14 -11.22
C LEU C 509 -1.25 19.66 -10.95
N ALA C 510 -0.73 19.26 -9.79
CA ALA C 510 -0.68 17.85 -9.43
C ALA C 510 -2.05 17.22 -9.69
N LYS C 511 -3.09 17.89 -9.20
CA LYS C 511 -4.46 17.43 -9.38
C LYS C 511 -4.70 17.08 -10.84
N GLU C 512 -4.66 18.10 -11.70
CA GLU C 512 -4.89 17.91 -13.13
C GLU C 512 -3.88 16.94 -13.76
N VAL C 513 -2.77 16.70 -13.07
CA VAL C 513 -1.79 15.79 -13.62
C VAL C 513 -2.25 14.37 -13.36
N MET C 514 -2.90 14.18 -12.22
CA MET C 514 -3.41 12.88 -11.87
C MET C 514 -4.74 12.65 -12.61
N GLU C 515 -5.68 13.54 -12.36
CA GLU C 515 -7.00 13.45 -12.97
C GLU C 515 -6.99 12.98 -14.43
N GLY C 516 -5.95 13.31 -15.19
CA GLY C 516 -5.93 12.91 -16.58
C GLY C 516 -4.80 11.98 -16.99
N VAL C 517 -4.15 11.36 -16.02
CA VAL C 517 -3.04 10.46 -16.34
C VAL C 517 -3.43 9.53 -17.47
N TYR C 518 -4.59 8.93 -17.35
CA TYR C 518 -5.08 8.02 -18.36
C TYR C 518 -6.58 8.07 -18.31
N PRO C 519 -7.17 9.12 -18.88
CA PRO C 519 -8.62 9.28 -18.90
C PRO C 519 -9.32 7.96 -19.18
N LEU C 520 -10.44 7.74 -18.52
CA LEU C 520 -11.23 6.51 -18.68
C LEU C 520 -12.67 6.85 -19.05
N ALA C 521 -13.47 5.81 -19.28
CA ALA C 521 -14.86 6.01 -19.64
C ALA C 521 -15.56 6.82 -18.54
N VAL C 522 -14.77 7.31 -17.59
CA VAL C 522 -15.29 8.11 -16.49
C VAL C 522 -14.20 9.10 -16.09
N PRO C 523 -14.56 10.12 -15.32
CA PRO C 523 -13.59 11.12 -14.87
C PRO C 523 -13.01 10.76 -13.51
N LEU C 524 -11.70 10.86 -13.38
CA LEU C 524 -11.05 10.59 -12.12
C LEU C 524 -11.13 11.86 -11.29
N GLU C 525 -11.81 11.81 -10.16
CA GLU C 525 -11.93 12.97 -9.29
C GLU C 525 -10.79 12.94 -8.29
N VAL C 526 -10.39 14.11 -7.81
CA VAL C 526 -9.29 14.21 -6.84
C VAL C 526 -9.56 15.36 -5.86
N GLU C 527 -9.45 15.10 -4.57
CA GLU C 527 -9.66 16.12 -3.55
C GLU C 527 -8.27 16.63 -3.15
N VAL C 528 -8.16 17.91 -2.77
CA VAL C 528 -6.85 18.43 -2.39
C VAL C 528 -6.90 19.23 -1.12
N GLY C 529 -5.78 19.24 -0.42
CA GLY C 529 -5.70 20.00 0.82
C GLY C 529 -4.31 20.55 1.01
N ILE C 530 -4.20 21.66 1.75
CA ILE C 530 -2.91 22.26 2.00
C ILE C 530 -2.81 22.73 3.45
N GLY C 531 -1.71 22.35 4.12
CA GLY C 531 -1.52 22.74 5.50
C GLY C 531 -0.10 22.51 5.99
N GLU C 532 0.18 22.99 7.21
CA GLU C 532 1.51 22.87 7.82
C GLU C 532 1.77 21.46 8.34
N ASP C 533 0.71 20.68 8.50
CA ASP C 533 0.81 19.30 8.98
C ASP C 533 -0.19 18.44 8.22
N TRP C 534 0.03 17.13 8.24
CA TRP C 534 -0.83 16.16 7.54
C TRP C 534 -2.32 16.27 7.87
N LEU C 535 -2.63 16.36 9.16
CA LEU C 535 -4.02 16.44 9.57
C LEU C 535 -4.70 17.67 9.01
N SER C 536 -4.04 18.83 9.15
CA SER C 536 -4.59 20.10 8.66
C SER C 536 -4.56 20.24 7.14
N ALA C 537 -3.69 19.49 6.49
CA ALA C 537 -3.64 19.53 5.03
C ALA C 537 -4.98 19.01 4.51
N LYS C 538 -5.91 18.77 5.42
CA LYS C 538 -7.24 18.27 5.07
C LYS C 538 -7.18 16.97 4.28
N GLU C 539 -6.24 16.11 4.65
CA GLU C 539 -6.07 14.82 3.97
C GLU C 539 -7.33 13.96 4.05
#